data_2P6C
#
_entry.id   2P6C
#
_cell.length_a   70.248
_cell.length_b   70.248
_cell.length_c   133.937
_cell.angle_alpha   90.00
_cell.angle_beta   90.00
_cell.angle_gamma   120.00
#
_symmetry.space_group_name_H-M   'H 3'
#
loop_
_entity.id
_entity.type
_entity.pdbx_description
1 polymer 'aq_2013 protein'
2 non-polymer 'PHOSPHATE ION'
3 water water
#
_entity_poly.entity_id   1
_entity_poly.type   'polypeptide(L)'
_entity_poly.pdbx_seq_one_letter_code
;MKAYTKYLTFNTKKRRELIRITDEVKKAVEESEVKEGLCLVSSMHLTSSVIIQDDEEGLHEDIWEWLEKLAPYRPDYKHH
RTGEDNGDAHLKNLLTHLQVVLPITNGKLDLGPWQEIFYAEFDGQRPKRVVIKIIGE
;
_entity_poly.pdbx_strand_id   A,B
#
# COMPACT_ATOMS: atom_id res chain seq x y z
N MET A 1 -10.65 -24.26 -11.27
CA MET A 1 -10.48 -23.24 -10.22
C MET A 1 -9.16 -22.49 -10.38
N LYS A 2 -9.16 -21.18 -10.00
CA LYS A 2 -7.95 -20.34 -10.11
C LYS A 2 -7.15 -20.31 -8.79
N ALA A 3 -5.83 -20.28 -8.89
CA ALA A 3 -4.92 -20.26 -7.76
C ALA A 3 -3.76 -19.35 -8.16
N TYR A 4 -3.26 -18.59 -7.20
CA TYR A 4 -2.21 -17.64 -7.46
C TYR A 4 -1.30 -17.58 -6.24
N THR A 5 0.01 -17.64 -6.46
CA THR A 5 0.95 -17.60 -5.36
C THR A 5 1.98 -16.50 -5.59
N LYS A 6 2.34 -15.81 -4.51
CA LYS A 6 3.32 -14.73 -4.55
C LYS A 6 3.98 -14.63 -3.19
N TYR A 7 5.31 -14.48 -3.18
CA TYR A 7 6.07 -14.36 -1.95
C TYR A 7 6.63 -12.95 -1.80
N LEU A 8 6.48 -12.38 -0.61
CA LEU A 8 7.00 -11.05 -0.34
C LEU A 8 8.22 -11.25 0.56
N THR A 9 9.30 -10.55 0.23
CA THR A 9 10.53 -10.66 1.01
C THR A 9 10.86 -9.36 1.74
N PHE A 10 11.21 -9.49 3.01
CA PHE A 10 11.57 -8.33 3.82
C PHE A 10 12.92 -8.59 4.48
N ASN A 11 13.60 -7.49 4.72
CA ASN A 11 14.88 -7.44 5.40
C ASN A 11 14.89 -6.08 6.06
N THR A 12 14.09 -5.99 7.12
CA THR A 12 13.90 -4.77 7.89
C THR A 12 15.19 -4.15 8.37
N LYS A 13 15.16 -2.84 8.46
CA LYS A 13 16.31 -2.13 8.87
C LYS A 13 16.52 -2.31 10.41
N LYS A 14 15.45 -2.64 11.14
CA LYS A 14 15.42 -2.84 12.59
C LYS A 14 15.04 -4.26 12.97
N ARG A 15 15.38 -4.68 14.18
CA ARG A 15 14.95 -5.99 14.68
C ARG A 15 13.42 -6.10 14.73
N ARG A 16 12.76 -5.03 15.17
CA ARG A 16 11.31 -4.97 15.29
C ARG A 16 10.78 -3.85 14.42
N GLU A 17 9.76 -4.14 13.63
CA GLU A 17 9.20 -3.12 12.76
C GLU A 17 7.84 -3.54 12.23
N LEU A 18 7.02 -2.54 11.90
CA LEU A 18 5.68 -2.62 11.39
C LEU A 18 5.74 -2.26 9.94
N ILE A 19 5.44 -3.12 8.97
CA ILE A 19 5.48 -2.75 7.55
C ILE A 19 4.15 -2.91 6.86
N ARG A 20 3.66 -1.84 6.23
CA ARG A 20 2.40 -1.93 5.52
C ARG A 20 2.56 -2.77 4.28
N ILE A 21 1.67 -3.74 4.11
CA ILE A 21 1.75 -4.62 2.89
C ILE A 21 0.40 -4.76 2.26
N THR A 22 -0.57 -3.93 2.65
CA THR A 22 -1.89 -4.01 2.04
C THR A 22 -1.86 -3.84 0.53
N ASP A 23 -1.15 -2.82 0.04
CA ASP A 23 -1.07 -2.62 -1.40
C ASP A 23 -0.38 -3.78 -2.10
N GLU A 24 0.59 -4.40 -1.42
CA GLU A 24 1.25 -5.56 -1.97
C GLU A 24 0.28 -6.68 -2.20
N VAL A 25 -0.58 -6.89 -1.21
CA VAL A 25 -1.58 -7.97 -1.27
C VAL A 25 -2.63 -7.64 -2.32
N LYS A 26 -3.01 -6.37 -2.38
CA LYS A 26 -4.00 -5.91 -3.35
C LYS A 26 -3.44 -6.13 -4.76
N LYS A 27 -2.14 -5.88 -4.93
CA LYS A 27 -1.52 -6.10 -6.22
C LYS A 27 -1.62 -7.55 -6.62
N ALA A 28 -1.45 -8.42 -5.63
CA ALA A 28 -1.50 -9.85 -5.88
C ALA A 28 -2.93 -10.27 -6.23
N VAL A 29 -3.91 -9.69 -5.54
CA VAL A 29 -5.31 -10.02 -5.81
C VAL A 29 -5.67 -9.64 -7.24
N GLU A 30 -5.15 -8.51 -7.71
CA GLU A 30 -5.42 -8.09 -9.08
C GLU A 30 -4.82 -9.05 -10.12
N GLU A 31 -3.50 -9.38 -9.92
CA GLU A 31 -2.73 -10.31 -10.76
C GLU A 31 -3.39 -11.72 -10.87
N SER A 32 -4.16 -12.06 -9.83
CA SER A 32 -4.71 -13.42 -9.73
C SER A 32 -5.95 -13.52 -10.60
N GLU A 33 -6.53 -12.38 -10.93
CA GLU A 33 -7.73 -12.28 -11.73
C GLU A 33 -8.94 -12.94 -11.05
N VAL A 34 -8.79 -13.31 -9.78
CA VAL A 34 -9.86 -13.95 -9.00
C VAL A 34 -10.96 -12.91 -8.75
N LYS A 35 -12.16 -13.30 -9.01
CA LYS A 35 -13.40 -12.52 -8.73
C LYS A 35 -13.86 -12.80 -7.35
N GLU A 36 -14.04 -13.94 -6.93
CA GLU A 36 -14.58 -14.37 -5.64
C GLU A 36 -13.64 -15.44 -5.08
N GLY A 37 -13.17 -15.25 -3.85
CA GLY A 37 -12.28 -16.26 -3.29
C GLY A 37 -11.72 -15.95 -1.92
N LEU A 38 -10.66 -16.65 -1.57
CA LEU A 38 -10.00 -16.47 -0.29
C LEU A 38 -8.55 -16.10 -0.53
N CYS A 39 -8.00 -15.27 0.34
CA CYS A 39 -6.63 -14.81 0.22
C CYS A 39 -5.87 -14.96 1.53
N LEU A 40 -5.00 -15.94 1.61
CA LEU A 40 -4.18 -16.20 2.80
C LEU A 40 -2.88 -15.39 2.73
N VAL A 41 -2.54 -14.71 3.82
CA VAL A 41 -1.32 -13.93 3.91
C VAL A 41 -0.68 -14.37 5.21
N SER A 42 0.44 -15.07 5.10
CA SER A 42 1.08 -15.66 6.24
C SER A 42 2.59 -15.53 6.29
N SER A 43 3.13 -15.30 7.48
CA SER A 43 4.56 -15.27 7.64
C SER A 43 5.10 -16.67 7.58
N MET A 44 6.22 -16.81 6.86
CA MET A 44 6.85 -18.14 6.77
C MET A 44 7.87 -18.37 7.90
N HIS A 45 7.92 -17.44 8.84
CA HIS A 45 8.85 -17.53 9.94
C HIS A 45 8.14 -17.50 11.30
N LEU A 46 8.83 -17.99 12.33
CA LEU A 46 8.32 -18.12 13.71
C LEU A 46 8.60 -16.81 14.50
N THR A 47 9.31 -15.86 13.91
CA THR A 47 9.73 -14.66 14.62
C THR A 47 9.16 -13.37 13.99
N SER A 48 8.09 -13.55 13.23
CA SER A 48 7.39 -12.48 12.56
C SER A 48 5.97 -12.97 12.25
N SER A 49 5.05 -12.03 12.11
CA SER A 49 3.64 -12.36 11.79
C SER A 49 3.01 -11.34 10.82
N VAL A 50 2.03 -11.85 9.99
CA VAL A 50 1.04 -10.99 9.32
C VAL A 50 -0.17 -10.86 10.20
N ILE A 51 -0.42 -9.57 10.50
CA ILE A 51 -1.51 -9.11 11.41
C ILE A 51 -2.33 -8.07 10.66
N ILE A 52 -3.54 -7.87 11.15
CA ILE A 52 -4.41 -6.79 10.72
C ILE A 52 -4.65 -5.88 11.88
N GLN A 53 -4.17 -4.65 11.72
CA GLN A 53 -4.34 -3.57 12.68
C GLN A 53 -4.92 -2.39 11.94
N ASP A 54 -5.03 -1.25 12.62
CA ASP A 54 -5.29 -0.08 11.79
C ASP A 54 -4.06 0.84 11.75
N ASP A 55 -4.23 2.00 11.13
CA ASP A 55 -3.05 2.89 10.88
C ASP A 55 -2.66 3.83 12.03
N GLU A 56 -3.53 4.03 13.02
CA GLU A 56 -3.21 5.02 14.06
C GLU A 56 -1.88 4.75 14.80
N GLU A 57 -1.04 5.79 14.82
CA GLU A 57 0.29 5.93 15.44
C GLU A 57 0.34 5.44 16.90
N GLY A 58 -0.56 6.05 17.67
CA GLY A 58 -0.62 5.77 19.08
C GLY A 58 -0.88 4.29 19.30
N LEU A 59 -1.75 3.71 18.47
CA LEU A 59 -2.08 2.31 18.64
C LEU A 59 -0.88 1.45 18.27
N HIS A 60 -0.09 1.90 17.31
CA HIS A 60 1.09 1.14 16.95
C HIS A 60 2.02 1.14 18.14
N GLU A 61 2.12 2.27 18.83
CA GLU A 61 3.01 2.29 19.98
C GLU A 61 2.44 1.42 21.09
N ASP A 62 1.12 1.46 21.30
CA ASP A 62 0.51 0.64 22.35
C ASP A 62 0.78 -0.85 22.11
N ILE A 63 0.76 -1.29 20.84
CA ILE A 63 0.92 -2.75 20.60
C ILE A 63 2.39 -3.16 20.92
N TRP A 64 3.36 -2.32 20.55
CA TRP A 64 4.70 -2.72 20.92
C TRP A 64 4.86 -2.80 22.44
N GLU A 65 4.31 -1.81 23.15
CA GLU A 65 4.43 -1.80 24.61
C GLU A 65 3.69 -3.02 25.22
N TRP A 66 2.47 -3.38 24.71
CA TRP A 66 1.69 -4.55 25.17
C TRP A 66 2.42 -5.87 24.87
N LEU A 67 2.91 -5.98 23.62
CA LEU A 67 3.76 -7.13 23.25
C LEU A 67 4.96 -7.31 24.21
N GLU A 68 5.70 -6.23 24.46
CA GLU A 68 6.87 -6.33 25.32
C GLU A 68 6.43 -6.73 26.72
N LYS A 69 5.28 -6.19 27.12
CA LYS A 69 4.71 -6.47 28.43
C LYS A 69 4.29 -7.94 28.57
N LEU A 70 3.62 -8.48 27.50
CA LEU A 70 3.12 -9.88 27.55
C LEU A 70 4.19 -10.89 27.14
N ALA A 71 5.10 -10.47 26.21
CA ALA A 71 6.15 -11.38 25.75
C ALA A 71 7.50 -10.67 25.68
N PRO A 72 8.00 -10.33 26.87
CA PRO A 72 9.17 -9.47 27.06
C PRO A 72 10.47 -10.13 26.60
N TYR A 73 11.35 -9.31 25.99
CA TYR A 73 12.69 -9.82 25.85
C TYR A 73 13.16 -10.27 27.22
N ARG A 74 13.92 -11.38 27.18
CA ARG A 74 14.45 -11.93 28.39
C ARG A 74 15.76 -12.57 28.06
N PRO A 75 16.74 -12.48 28.91
CA PRO A 75 18.04 -13.09 28.70
C PRO A 75 18.14 -14.61 29.07
N ASP A 76 17.15 -15.00 29.93
CA ASP A 76 17.13 -16.34 30.51
C ASP A 76 16.14 -17.35 29.83
N TYR A 77 15.59 -17.02 28.64
CA TYR A 77 14.68 -18.01 28.05
C TYR A 77 15.50 -19.25 27.77
N LYS A 78 14.88 -20.42 27.87
CA LYS A 78 15.59 -21.67 27.64
C LYS A 78 16.09 -21.76 26.21
N HIS A 79 15.38 -21.11 25.29
CA HIS A 79 15.76 -21.10 23.88
C HIS A 79 17.20 -20.60 23.72
N HIS A 80 17.63 -19.80 24.72
CA HIS A 80 18.97 -19.21 24.69
C HIS A 80 20.10 -20.23 24.82
N ARG A 81 19.70 -21.49 25.12
CA ARG A 81 20.70 -22.53 25.16
C ARG A 81 21.40 -22.62 23.82
N THR A 82 20.71 -22.16 22.78
CA THR A 82 21.31 -22.22 21.46
C THR A 82 22.18 -21.01 21.18
N GLY A 83 22.25 -20.08 22.17
CA GLY A 83 22.93 -18.80 21.93
C GLY A 83 22.04 -17.77 21.21
N GLU A 84 20.81 -18.20 20.88
CA GLU A 84 19.84 -17.28 20.23
C GLU A 84 19.04 -16.67 21.33
N ASP A 85 18.92 -15.35 21.33
CA ASP A 85 18.08 -14.80 22.38
C ASP A 85 16.95 -13.96 21.81
N ASN A 86 16.27 -14.59 20.86
CA ASN A 86 15.11 -14.00 20.22
C ASN A 86 13.85 -14.72 20.69
N GLY A 87 13.98 -15.42 21.81
CA GLY A 87 12.84 -16.13 22.38
C GLY A 87 11.58 -15.29 22.41
N ASP A 88 11.69 -14.03 22.84
CA ASP A 88 10.52 -13.16 22.91
C ASP A 88 9.84 -12.99 21.54
N ALA A 89 10.62 -13.06 20.48
CA ALA A 89 10.06 -12.90 19.12
C ALA A 89 9.15 -14.08 18.78
N HIS A 90 9.51 -15.25 19.27
CA HIS A 90 8.72 -16.45 19.01
C HIS A 90 7.41 -16.33 19.77
N LEU A 91 7.50 -15.87 21.01
CA LEU A 91 6.30 -15.71 21.83
C LEU A 91 5.38 -14.66 21.19
N LYS A 92 5.96 -13.56 20.70
CA LYS A 92 5.17 -12.52 20.05
C LYS A 92 4.46 -13.08 18.81
N ASN A 93 5.06 -14.07 18.13
CA ASN A 93 4.48 -14.71 16.94
C ASN A 93 3.28 -15.57 17.36
N LEU A 94 3.47 -16.23 18.49
CA LEU A 94 2.38 -17.02 19.04
C LEU A 94 1.20 -16.12 19.37
N LEU A 95 1.49 -15.05 20.11
CA LEU A 95 0.55 -14.04 20.61
C LEU A 95 -0.34 -13.43 19.51
N THR A 96 0.35 -12.90 18.51
CA THR A 96 -0.30 -12.18 17.41
C THR A 96 -0.83 -13.08 16.31
N HIS A 97 -0.39 -14.32 16.30
CA HIS A 97 -0.77 -15.30 15.27
C HIS A 97 -0.06 -14.97 13.96
N LEU A 98 0.57 -15.97 13.36
CA LEU A 98 1.40 -15.81 12.13
C LEU A 98 0.63 -15.33 10.87
N GLN A 99 -0.69 -15.49 10.80
CA GLN A 99 -1.40 -15.20 9.56
C GLN A 99 -2.82 -14.62 9.66
N VAL A 100 -3.37 -14.33 8.49
CA VAL A 100 -4.77 -13.78 8.30
C VAL A 100 -5.26 -14.34 7.00
N VAL A 101 -6.58 -14.50 6.91
CA VAL A 101 -7.24 -14.94 5.71
C VAL A 101 -8.26 -13.91 5.35
N LEU A 102 -8.19 -13.38 4.14
CA LEU A 102 -9.13 -12.35 3.70
C LEU A 102 -9.98 -12.80 2.50
N PRO A 103 -11.22 -12.27 2.46
CA PRO A 103 -12.16 -12.49 1.38
C PRO A 103 -11.78 -11.69 0.14
N ILE A 104 -12.13 -12.26 -1.02
CA ILE A 104 -12.05 -11.49 -2.25
C ILE A 104 -13.45 -11.40 -2.79
N THR A 105 -13.97 -10.19 -2.91
CA THR A 105 -15.34 -9.97 -3.32
C THR A 105 -15.39 -9.01 -4.51
N ASN A 106 -15.97 -9.43 -5.63
CA ASN A 106 -16.08 -8.63 -6.84
C ASN A 106 -14.67 -8.14 -7.29
N GLY A 107 -13.70 -9.05 -7.23
CA GLY A 107 -12.34 -8.77 -7.68
C GLY A 107 -11.58 -7.80 -6.75
N LYS A 108 -12.04 -7.78 -5.49
CA LYS A 108 -11.42 -6.86 -4.53
C LYS A 108 -11.19 -7.50 -3.17
N LEU A 109 -10.05 -7.10 -2.55
CA LEU A 109 -9.77 -7.44 -1.16
C LEU A 109 -10.89 -6.87 -0.30
N ASP A 110 -11.64 -7.77 0.35
CA ASP A 110 -12.82 -7.39 1.16
C ASP A 110 -12.42 -6.90 2.56
N LEU A 111 -12.04 -5.60 2.66
CA LEU A 111 -11.58 -5.08 3.95
C LEU A 111 -12.54 -4.12 4.63
N GLY A 112 -12.47 -4.10 5.98
CA GLY A 112 -13.27 -3.19 6.79
C GLY A 112 -12.84 -1.71 6.60
N PRO A 113 -13.57 -0.72 7.14
CA PRO A 113 -13.20 0.68 6.92
C PRO A 113 -11.83 1.12 7.44
N TRP A 114 -11.31 0.42 8.44
CA TRP A 114 -10.03 0.81 8.99
C TRP A 114 -8.95 -0.27 8.95
N GLN A 115 -9.31 -1.49 8.53
CA GLN A 115 -8.37 -2.62 8.44
C GLN A 115 -7.17 -2.34 7.51
N GLU A 116 -5.98 -2.68 7.98
CA GLU A 116 -4.77 -2.54 7.18
C GLU A 116 -3.94 -3.79 7.51
N ILE A 117 -3.33 -4.39 6.50
CA ILE A 117 -2.51 -5.58 6.70
C ILE A 117 -1.06 -5.18 6.93
N PHE A 118 -0.44 -5.71 7.99
CA PHE A 118 0.95 -5.38 8.27
C PHE A 118 1.80 -6.62 8.39
N TYR A 119 3.08 -6.47 8.09
CA TYR A 119 4.05 -7.52 8.33
C TYR A 119 4.72 -7.04 9.59
N ALA A 120 4.47 -7.77 10.67
CA ALA A 120 5.05 -7.35 11.93
C ALA A 120 6.33 -8.15 12.23
N GLU A 121 7.48 -7.48 12.02
CA GLU A 121 8.78 -8.07 12.19
C GLU A 121 9.17 -8.03 13.69
N PHE A 122 9.55 -9.17 14.27
CA PHE A 122 9.95 -9.21 15.68
C PHE A 122 11.44 -9.54 15.90
N ASP A 123 12.11 -9.94 14.82
CA ASP A 123 13.55 -10.26 14.75
C ASP A 123 14.09 -10.15 13.36
N GLY A 124 14.01 -8.93 12.85
CA GLY A 124 14.40 -8.71 11.48
C GLY A 124 15.89 -8.52 11.20
N GLN A 125 16.16 -7.68 10.20
CA GLN A 125 17.49 -7.39 9.71
C GLN A 125 18.08 -8.56 8.90
N ARG A 126 17.20 -9.44 8.44
CA ARG A 126 17.61 -10.51 7.55
C ARG A 126 16.45 -10.92 6.67
N PRO A 127 16.77 -11.55 5.52
CA PRO A 127 15.74 -11.92 4.53
C PRO A 127 14.72 -12.91 5.06
N LYS A 128 13.46 -12.49 5.09
CA LYS A 128 12.35 -13.32 5.56
C LYS A 128 11.18 -13.12 4.61
N ARG A 129 10.40 -14.18 4.39
CA ARG A 129 9.30 -14.06 3.46
C ARG A 129 7.89 -14.22 4.06
N VAL A 130 6.95 -13.67 3.32
CA VAL A 130 5.53 -13.75 3.60
C VAL A 130 4.92 -14.38 2.35
N VAL A 131 4.05 -15.41 2.54
CA VAL A 131 3.34 -16.01 1.38
C VAL A 131 1.95 -15.48 1.25
N ILE A 132 1.59 -15.21 -0.03
CA ILE A 132 0.22 -14.87 -0.41
C ILE A 132 -0.32 -15.99 -1.26
N LYS A 133 -1.37 -16.64 -0.75
CA LYS A 133 -1.94 -17.72 -1.53
C LYS A 133 -3.43 -17.45 -1.74
N ILE A 134 -3.77 -17.33 -3.03
CA ILE A 134 -5.14 -17.03 -3.43
C ILE A 134 -5.77 -18.18 -4.21
N ILE A 135 -7.03 -18.49 -3.88
CA ILE A 135 -7.83 -19.55 -4.60
C ILE A 135 -9.23 -18.99 -4.76
N GLY A 136 -9.91 -19.41 -5.82
CA GLY A 136 -11.28 -19.01 -6.04
C GLY A 136 -11.49 -18.93 -7.54
N GLU A 137 -12.46 -18.13 -7.96
CA GLU A 137 -12.91 -17.92 -9.34
C GLU A 137 -13.02 -16.43 -9.68
N MET B 1 -0.21 24.43 14.82
CA MET B 1 -0.73 23.59 13.70
C MET B 1 0.37 22.82 13.02
N LYS B 2 0.22 21.47 12.84
CA LYS B 2 1.24 20.59 12.24
C LYS B 2 1.05 20.59 10.74
N ALA B 3 2.18 20.49 10.06
CA ALA B 3 2.21 20.43 8.62
C ALA B 3 3.28 19.42 8.31
N TYR B 4 3.08 18.70 7.22
CA TYR B 4 3.99 17.64 6.85
C TYR B 4 4.02 17.49 5.33
N THR B 5 5.23 17.41 4.78
CA THR B 5 5.45 17.29 3.32
C THR B 5 6.29 16.08 2.98
N LYS B 6 5.96 15.28 1.95
CA LYS B 6 6.74 14.18 1.37
C LYS B 6 6.47 14.16 -0.13
N TYR B 7 7.50 13.82 -0.82
CA TYR B 7 7.39 13.69 -2.26
C TYR B 7 7.63 12.25 -2.67
N LEU B 8 6.77 11.73 -3.53
CA LEU B 8 6.93 10.37 -4.00
C LEU B 8 7.44 10.47 -5.44
N THR B 9 8.46 9.69 -5.77
CA THR B 9 9.01 9.72 -7.12
C THR B 9 8.73 8.42 -7.87
N PHE B 10 8.35 8.56 -9.12
CA PHE B 10 8.04 7.43 -9.97
C PHE B 10 8.81 7.53 -11.27
N ASN B 11 9.17 6.35 -11.76
CA ASN B 11 9.80 6.19 -13.02
C ASN B 11 9.25 4.88 -13.54
N THR B 12 8.02 4.98 -14.11
CA THR B 12 7.32 3.75 -14.47
C THR B 12 8.03 3.03 -15.60
N LYS B 13 7.80 1.73 -15.60
CA LYS B 13 8.44 0.87 -16.58
C LYS B 13 7.77 1.08 -17.92
N LYS B 14 6.49 1.52 -17.84
CA LYS B 14 5.62 1.72 -18.98
C LYS B 14 5.21 3.19 -19.09
N ARG B 15 4.85 3.58 -20.33
CA ARG B 15 4.41 4.99 -20.54
C ARG B 15 3.10 5.28 -19.79
N ARG B 16 2.24 4.27 -19.84
CA ARG B 16 0.98 4.36 -19.12
C ARG B 16 0.89 3.23 -18.11
N GLU B 17 0.61 3.56 -16.85
CA GLU B 17 0.60 2.61 -15.78
C GLU B 17 -0.21 3.17 -14.61
N LEU B 18 -0.80 2.23 -13.88
CA LEU B 18 -1.57 2.51 -12.71
C LEU B 18 -0.74 2.02 -11.55
N ILE B 19 -0.34 2.93 -10.62
CA ILE B 19 0.46 2.48 -9.44
C ILE B 19 -0.23 2.71 -8.09
N ARG B 20 -0.38 1.67 -7.29
CA ARG B 20 -0.99 1.82 -5.99
C ARG B 20 -0.08 2.64 -5.08
N ILE B 21 -0.63 3.67 -4.46
CA ILE B 21 0.20 4.52 -3.53
C ILE B 21 -0.54 4.75 -2.24
N THR B 22 -1.61 4.01 -1.98
CA THR B 22 -2.35 4.21 -0.74
C THR B 22 -1.47 3.99 0.50
N ASP B 23 -0.69 2.91 0.53
CA ASP B 23 0.17 2.68 1.68
C ASP B 23 1.24 3.76 1.83
N GLU B 24 1.70 4.32 0.72
CA GLU B 24 2.69 5.39 0.80
C GLU B 24 2.10 6.61 1.46
N VAL B 25 0.84 6.89 1.13
CA VAL B 25 0.10 8.03 1.71
C VAL B 25 -0.17 7.75 3.19
N LYS B 26 -0.56 6.52 3.48
CA LYS B 26 -0.86 6.14 4.85
C LYS B 26 0.39 6.31 5.70
N LYS B 27 1.53 5.90 5.15
CA LYS B 27 2.78 6.03 5.88
C LYS B 27 3.09 7.50 6.15
N ALA B 28 2.75 8.37 5.18
CA ALA B 28 2.98 9.79 5.39
C ALA B 28 2.06 10.32 6.46
N VAL B 29 0.83 9.79 6.53
CA VAL B 29 -0.11 10.24 7.56
C VAL B 29 0.40 9.89 8.93
N GLU B 30 0.92 8.67 9.09
CA GLU B 30 1.42 8.30 10.40
C GLU B 30 2.65 9.14 10.77
N GLU B 31 3.53 9.39 9.80
CA GLU B 31 4.74 10.21 9.99
C GLU B 31 4.41 11.66 10.41
N SER B 32 3.26 12.18 9.95
CA SER B 32 2.85 13.56 10.25
C SER B 32 2.42 13.71 11.69
N GLU B 33 1.95 12.62 12.28
CA GLU B 33 1.44 12.58 13.65
C GLU B 33 0.17 13.40 13.78
N VAL B 34 -0.43 13.76 12.65
CA VAL B 34 -1.67 14.51 12.67
C VAL B 34 -2.82 13.59 13.06
N LYS B 35 -3.72 14.08 13.91
CA LYS B 35 -4.87 13.31 14.36
C LYS B 35 -6.11 13.64 13.52
N GLU B 36 -6.30 14.93 13.27
CA GLU B 36 -7.42 15.42 12.46
C GLU B 36 -6.93 16.45 11.46
N GLY B 37 -7.25 16.26 10.19
CA GLY B 37 -6.80 17.23 9.20
C GLY B 37 -7.13 16.87 7.78
N LEU B 38 -6.40 17.49 6.86
CA LEU B 38 -6.58 17.24 5.44
C LEU B 38 -5.27 16.79 4.85
N CYS B 39 -5.35 15.91 3.86
CA CYS B 39 -4.18 15.34 3.21
C CYS B 39 -4.29 15.44 1.68
N LEU B 40 -3.53 16.36 1.09
CA LEU B 40 -3.61 16.63 -0.52
C LEU B 40 -2.49 15.67 -1.03
N VAL B 41 -2.93 15.00 -2.08
CA VAL B 41 -2.05 14.18 -2.87
C VAL B 41 -2.21 14.52 -4.32
N SER B 42 -1.14 15.10 -4.89
CA SER B 42 -1.27 15.67 -6.22
C SER B 42 -0.06 15.38 -7.10
N SER B 43 -0.33 15.12 -8.38
CA SER B 43 0.75 14.91 -9.33
C SER B 43 1.36 16.28 -9.62
N MET B 44 2.70 16.34 -9.68
CA MET B 44 3.39 17.58 -9.94
C MET B 44 3.62 17.81 -11.45
N HIS B 45 3.05 16.93 -12.27
CA HIS B 45 3.21 16.98 -13.71
C HIS B 45 1.85 17.06 -14.40
N LEU B 46 1.86 17.48 -15.67
CA LEU B 46 0.66 17.68 -16.54
C LEU B 46 0.34 16.42 -17.34
N THR B 47 1.13 15.36 -17.17
CA THR B 47 0.99 14.13 -17.97
C THR B 47 0.79 12.90 -17.08
N SER B 48 0.33 13.13 -15.86
CA SER B 48 0.05 12.09 -14.89
C SER B 48 -0.90 12.71 -13.85
N SER B 49 -1.69 11.87 -13.19
CA SER B 49 -2.63 12.32 -12.17
C SER B 49 -2.66 11.33 -10.98
N VAL B 50 -3.09 11.90 -9.81
CA VAL B 50 -3.39 11.09 -8.63
C VAL B 50 -4.89 10.97 -8.66
N ILE B 51 -5.39 9.77 -8.79
CA ILE B 51 -6.84 9.56 -8.76
C ILE B 51 -7.18 8.52 -7.68
N ILE B 52 -8.48 8.47 -7.30
CA ILE B 52 -9.04 7.47 -6.41
C ILE B 52 -9.90 6.58 -7.23
N GLN B 53 -9.59 5.28 -7.25
CA GLN B 53 -10.34 4.30 -8.02
C GLN B 53 -10.45 3.11 -7.07
N ASP B 54 -10.99 1.99 -7.56
CA ASP B 54 -10.99 0.79 -6.78
C ASP B 54 -10.06 -0.20 -7.43
N ASP B 55 -9.88 -1.32 -6.75
CA ASP B 55 -8.89 -2.34 -7.13
C ASP B 55 -9.31 -3.23 -8.32
N GLU B 56 -10.63 -3.35 -8.59
CA GLU B 56 -11.09 -4.33 -9.57
C GLU B 56 -10.38 -4.12 -10.89
N GLU B 57 -9.89 -5.23 -11.43
CA GLU B 57 -9.02 -5.10 -12.60
C GLU B 57 -9.81 -4.89 -13.91
N GLY B 58 -11.03 -5.47 -13.98
CA GLY B 58 -11.85 -5.18 -15.15
C GLY B 58 -12.03 -3.70 -15.26
N LEU B 59 -12.22 -3.05 -14.11
CA LEU B 59 -12.46 -1.61 -14.06
C LEU B 59 -11.20 -0.84 -14.52
N HIS B 60 -10.03 -1.37 -14.21
CA HIS B 60 -8.79 -0.71 -14.61
C HIS B 60 -8.73 -0.74 -16.12
N GLU B 61 -9.12 -1.87 -16.69
CA GLU B 61 -9.07 -1.92 -18.14
C GLU B 61 -10.14 -1.02 -18.74
N ASP B 62 -11.31 -0.93 -18.10
CA ASP B 62 -12.34 -0.03 -18.60
C ASP B 62 -11.88 1.43 -18.63
N ILE B 63 -11.26 1.92 -17.58
CA ILE B 63 -10.85 3.36 -17.60
C ILE B 63 -9.76 3.58 -18.65
N TRP B 64 -8.84 2.66 -18.82
CA TRP B 64 -7.81 2.86 -19.83
C TRP B 64 -8.48 2.97 -21.21
N GLU B 65 -9.46 2.10 -21.47
CA GLU B 65 -10.19 2.08 -22.72
C GLU B 65 -10.99 3.40 -22.86
N TRP B 66 -11.61 3.80 -21.75
CA TRP B 66 -12.42 5.00 -21.73
C TRP B 66 -11.56 6.25 -21.98
N LEU B 67 -10.39 6.33 -21.34
CA LEU B 67 -9.45 7.43 -21.47
C LEU B 67 -9.00 7.58 -22.96
N GLU B 68 -8.72 6.44 -23.59
CA GLU B 68 -8.26 6.52 -24.96
C GLU B 68 -9.40 6.94 -25.86
N LYS B 69 -10.60 6.43 -25.56
CA LYS B 69 -11.80 6.82 -26.28
C LYS B 69 -12.05 8.30 -26.19
N LEU B 70 -11.97 8.87 -24.99
CA LEU B 70 -12.24 10.32 -24.77
C LEU B 70 -11.02 11.22 -25.06
N ALA B 71 -9.82 10.70 -24.77
CA ALA B 71 -8.62 11.50 -25.01
C ALA B 71 -7.56 10.59 -25.65
N PRO B 72 -7.81 10.20 -26.92
CA PRO B 72 -6.94 9.31 -27.70
C PRO B 72 -5.62 9.88 -28.14
N TYR B 73 -4.62 9.02 -28.24
CA TYR B 73 -3.34 9.45 -28.77
C TYR B 73 -3.69 9.82 -30.21
N ARG B 74 -3.11 10.97 -30.63
CA ARG B 74 -3.34 11.54 -31.94
C ARG B 74 -2.01 12.00 -32.55
N PRO B 75 -1.61 11.75 -33.72
CA PRO B 75 -0.37 12.25 -34.27
C PRO B 75 -0.42 13.74 -34.62
N ASP B 76 -1.63 14.22 -34.87
CA ASP B 76 -1.82 15.63 -35.33
C ASP B 76 -2.19 16.65 -34.21
N TYR B 77 -2.01 16.35 -32.92
CA TYR B 77 -2.33 17.37 -31.92
C TYR B 77 -1.41 18.56 -32.20
N LYS B 78 -1.85 19.76 -31.89
CA LYS B 78 -1.07 20.96 -32.13
C LYS B 78 0.21 20.92 -31.28
N HIS B 79 0.09 20.28 -30.12
CA HIS B 79 1.22 20.15 -29.19
C HIS B 79 2.44 19.55 -29.89
N HIS B 80 2.17 18.73 -30.89
CA HIS B 80 3.22 18.04 -31.65
C HIS B 80 4.15 18.99 -32.42
N ARG B 81 3.81 20.27 -32.46
CA ARG B 81 4.66 21.22 -33.13
C ARG B 81 6.01 21.29 -32.45
N THR B 82 6.01 20.87 -31.18
CA THR B 82 7.24 20.83 -30.31
C THR B 82 7.98 19.55 -30.58
N GLY B 83 7.35 18.59 -31.23
CA GLY B 83 8.00 17.31 -31.47
C GLY B 83 7.57 16.34 -30.38
N GLU B 84 6.79 16.73 -29.43
CA GLU B 84 6.30 15.91 -28.36
C GLU B 84 5.00 15.32 -28.79
N ASP B 85 4.71 14.14 -28.72
CA ASP B 85 3.43 13.63 -29.13
C ASP B 85 2.70 13.01 -27.97
N ASN B 86 2.76 13.68 -26.82
CA ASN B 86 2.09 13.18 -25.63
C ASN B 86 0.89 14.04 -25.30
N GLY B 87 0.40 14.72 -26.34
CA GLY B 87 -0.78 15.55 -26.17
C GLY B 87 -1.89 14.82 -25.45
N ASP B 88 -2.14 13.57 -25.82
CA ASP B 88 -3.21 12.80 -25.18
C ASP B 88 -3.00 12.66 -23.67
N ALA B 89 -1.74 12.57 -23.22
CA ALA B 89 -1.50 12.42 -21.78
C ALA B 89 -1.89 13.68 -21.04
N HIS B 90 -1.71 14.82 -21.70
CA HIS B 90 -2.07 16.08 -21.11
C HIS B 90 -3.58 16.12 -20.96
N LEU B 91 -4.29 15.69 -22.00
CA LEU B 91 -5.73 15.63 -22.03
C LEU B 91 -6.25 14.68 -20.91
N LYS B 92 -5.59 13.54 -20.80
CA LYS B 92 -5.98 12.55 -19.80
C LYS B 92 -5.79 13.13 -18.39
N ASN B 93 -4.80 14.00 -18.24
CA ASN B 93 -4.53 14.64 -16.95
C ASN B 93 -5.70 15.56 -16.63
N LEU B 94 -6.14 16.30 -17.64
CA LEU B 94 -7.26 17.22 -17.46
C LEU B 94 -8.53 16.44 -17.11
N LEU B 95 -8.78 15.39 -17.88
CA LEU B 95 -9.93 14.46 -17.74
C LEU B 95 -10.12 13.91 -16.31
N THR B 96 -9.03 13.33 -15.80
CA THR B 96 -9.02 12.66 -14.50
C THR B 96 -8.77 13.59 -13.32
N HIS B 97 -8.25 14.78 -13.60
CA HIS B 97 -7.89 15.76 -12.57
C HIS B 97 -6.61 15.32 -11.89
N LEU B 98 -5.67 16.26 -11.74
CA LEU B 98 -4.31 15.99 -11.19
C LEU B 98 -4.27 15.52 -9.70
N GLN B 99 -5.31 15.77 -8.92
CA GLN B 99 -5.22 15.51 -7.50
C GLN B 99 -6.49 15.07 -6.77
N VAL B 100 -6.30 14.79 -5.48
CA VAL B 100 -7.42 14.42 -4.55
C VAL B 100 -6.99 14.93 -3.21
N VAL B 101 -7.99 15.20 -2.38
CA VAL B 101 -7.80 15.64 -1.01
C VAL B 101 -8.54 14.72 -0.13
N LEU B 102 -7.85 14.18 0.88
CA LEU B 102 -8.48 13.21 1.80
C LEU B 102 -8.46 13.70 3.26
N PRO B 103 -9.46 13.24 4.05
CA PRO B 103 -9.55 13.52 5.47
C PRO B 103 -8.62 12.61 6.25
N ILE B 104 -8.19 13.17 7.37
CA ILE B 104 -7.52 12.40 8.36
C ILE B 104 -8.38 12.46 9.59
N THR B 105 -8.85 11.31 10.04
CA THR B 105 -9.74 11.24 11.16
C THR B 105 -9.22 10.24 12.18
N ASN B 106 -9.01 10.68 13.42
CA ASN B 106 -8.49 9.83 14.48
C ASN B 106 -7.15 9.19 14.07
N GLY B 107 -6.28 10.01 13.49
CA GLY B 107 -4.96 9.56 13.08
C GLY B 107 -4.94 8.64 11.88
N LYS B 108 -6.03 8.62 11.11
CA LYS B 108 -6.11 7.74 9.94
C LYS B 108 -6.70 8.35 8.68
N LEU B 109 -6.18 7.91 7.54
CA LEU B 109 -6.70 8.30 6.25
C LEU B 109 -8.13 7.87 6.24
N ASP B 110 -9.08 8.80 6.20
CA ASP B 110 -10.50 8.49 6.20
C ASP B 110 -10.95 8.01 4.81
N LEU B 111 -11.00 6.70 4.60
CA LEU B 111 -11.24 6.07 3.27
C LEU B 111 -12.61 5.31 3.18
N GLY B 112 -13.31 5.40 2.05
CA GLY B 112 -14.49 4.58 1.83
C GLY B 112 -14.14 3.10 1.76
N PRO B 113 -15.14 2.19 1.84
CA PRO B 113 -14.92 0.75 1.77
C PRO B 113 -14.05 0.22 0.63
N TRP B 114 -14.12 0.83 -0.55
CA TRP B 114 -13.33 0.32 -1.67
C TRP B 114 -12.34 1.32 -2.32
N GLN B 115 -12.30 2.55 -1.82
CA GLN B 115 -11.41 3.57 -2.36
C GLN B 115 -9.93 3.20 -2.21
N GLU B 116 -9.18 3.40 -3.28
CA GLU B 116 -7.75 3.17 -3.30
C GLU B 116 -7.15 4.35 -4.06
N ILE B 117 -6.03 4.87 -3.57
CA ILE B 117 -5.36 5.99 -4.22
C ILE B 117 -4.32 5.47 -5.20
N PHE B 118 -4.38 5.93 -6.45
CA PHE B 118 -3.41 5.49 -7.45
C PHE B 118 -2.67 6.66 -8.06
N TYR B 119 -1.50 6.35 -8.60
CA TYR B 119 -0.71 7.32 -9.33
C TYR B 119 -0.95 6.82 -10.75
N ALA B 120 -1.69 7.59 -11.51
CA ALA B 120 -2.00 7.23 -12.89
C ALA B 120 -1.03 7.93 -13.84
N GLU B 121 -0.06 7.18 -14.33
CA GLU B 121 0.96 7.66 -15.26
C GLU B 121 0.46 7.60 -16.70
N PHE B 122 0.55 8.70 -17.45
CA PHE B 122 0.08 8.74 -18.84
C PHE B 122 1.21 8.90 -19.87
N ASP B 123 2.40 9.26 -19.38
CA ASP B 123 3.59 9.45 -20.20
C ASP B 123 4.83 9.24 -19.31
N GLY B 124 4.97 8.01 -18.82
CA GLY B 124 6.06 7.67 -17.91
C GLY B 124 7.44 7.36 -18.47
N GLN B 125 8.14 6.48 -17.76
CA GLN B 125 9.50 6.06 -18.09
C GLN B 125 10.52 7.17 -17.82
N ARG B 126 10.19 8.04 -16.90
CA ARG B 126 11.11 9.08 -16.49
C ARG B 126 10.68 9.59 -15.13
N PRO B 127 11.61 10.15 -14.39
CA PRO B 127 11.37 10.55 -13.02
C PRO B 127 10.30 11.65 -12.88
N LYS B 128 9.26 11.35 -12.20
CA LYS B 128 8.21 12.33 -11.99
C LYS B 128 7.74 12.20 -10.56
N ARG B 129 7.26 13.30 -9.99
CA ARG B 129 6.88 13.31 -8.60
C ARG B 129 5.42 13.59 -8.28
N VAL B 130 5.04 13.11 -7.11
CA VAL B 130 3.75 13.27 -6.49
C VAL B 130 4.02 13.93 -5.19
N VAL B 131 3.28 14.97 -4.83
CA VAL B 131 3.46 15.66 -3.49
C VAL B 131 2.33 15.28 -2.60
N ILE B 132 2.67 15.07 -1.32
CA ILE B 132 1.73 14.80 -0.24
C ILE B 132 1.84 15.93 0.73
N LYS B 133 0.76 16.69 0.91
CA LYS B 133 0.86 17.78 1.87
C LYS B 133 -0.28 17.66 2.87
N ILE B 134 0.13 17.55 4.12
CA ILE B 134 -0.80 17.35 5.24
C ILE B 134 -0.74 18.51 6.23
N ILE B 135 -1.89 18.91 6.75
CA ILE B 135 -2.03 20.04 7.74
C ILE B 135 -3.09 19.59 8.72
N GLY B 136 -2.96 20.01 9.98
CA GLY B 136 -3.98 19.73 10.99
C GLY B 136 -3.38 19.67 12.39
N GLU B 137 -4.19 19.07 13.28
CA GLU B 137 -3.73 18.96 14.66
C GLU B 137 -3.53 17.51 15.05
#